data_7G83
#
_entry.id   7G83
#
_cell.length_a   71.353
_cell.length_b   71.353
_cell.length_c   196.765
_cell.angle_alpha   90.000
_cell.angle_beta   90.000
_cell.angle_gamma   90.000
#
_symmetry.space_group_name_H-M   'P 43 21 2'
#
loop_
_entity.id
_entity.type
_entity.pdbx_description
1 polymer 'Transforming protein RhoA'
2 polymer 'Rho guanine nucleotide exchange factor 2'
3 non-polymer 3-propanamido-1-benzofuran-2-carboxamide
4 non-polymer 'DIMETHYL SULFOXIDE'
5 non-polymer 'FORMIC ACID'
6 water water
#
loop_
_entity_poly.entity_id
_entity_poly.type
_entity_poly.pdbx_seq_one_letter_code
_entity_poly.pdbx_strand_id
1 'polypeptide(L)'
;SMAAIRKKLVIVGDGACGKTCLLIVFSKDQFPEVYVPTVFENYVADIEVDGKQVELALWDTAGQEDYDRLRPLSYPDTDV
ILMCFSIDSPDSLENIPEKWTPEVKHFCPNVPIILVGNKKDLRNDEHTRRELAKMKQEPVKPEEGRDMANRIGAFGYMEC
SAKTKDGVREVFEMATRAALQARRG
;
A
2 'polypeptide(L)'
;SMEMDEKDFAADSWSLAVDSSFLQQHKKEVMKQQDVIYELIQTELHHVRTLKIMTRLFRTGMLEELHLEPGVVQGLFPCV
DELSDIHTRFLSQLLERRRQALCPGSTRNFVIHRLGDLLISQFSGPSAEQMCKTYSEFCSRHSKALKLYKELYARDKRFQ
QFIRKVTRPAVLKRHGVQECILLVTQRITKYPLLISRILQHSHGIEEERQDLTTALGLVKELLSNVDEGIYQLEKGARLQ
EIYNR
;
B
#
loop_
_chem_comp.id
_chem_comp.type
_chem_comp.name
_chem_comp.formula
DMS non-polymer 'DIMETHYL SULFOXIDE' 'C2 H6 O S'
FMT non-polymer 'FORMIC ACID' 'C H2 O2'
YX2 non-polymer 3-propanamido-1-benzofuran-2-carboxamide 'C12 H12 N2 O3'
#
# COMPACT_ATOMS: atom_id res chain seq x y z
N ALA A 4 5.67 23.97 -5.85
CA ALA A 4 5.53 23.09 -4.68
C ALA A 4 6.59 22.01 -4.71
N ILE A 5 7.33 21.88 -3.62
CA ILE A 5 8.38 20.86 -3.52
C ILE A 5 7.72 19.56 -3.04
N ARG A 6 8.26 18.43 -3.47
CA ARG A 6 7.72 17.12 -3.08
C ARG A 6 8.48 16.55 -1.87
N LYS A 7 7.71 16.03 -0.89
CA LYS A 7 8.28 15.39 0.29
C LYS A 7 7.59 14.05 0.50
N LYS A 8 8.23 13.10 1.15
CA LYS A 8 7.66 11.76 1.37
C LYS A 8 7.43 11.51 2.88
N LEU A 9 6.23 11.02 3.21
CA LEU A 9 5.87 10.66 4.57
C LEU A 9 5.57 9.15 4.61
N VAL A 10 6.09 8.47 5.64
CA VAL A 10 5.75 7.06 5.86
C VAL A 10 5.23 6.91 7.30
N ILE A 11 4.11 6.13 7.46
CA ILE A 11 3.59 5.88 8.79
CA ILE A 11 3.58 5.84 8.80
C ILE A 11 3.94 4.44 9.20
N VAL A 12 4.46 4.32 10.43
CA VAL A 12 4.85 3.02 10.98
CA VAL A 12 4.99 3.12 11.04
C VAL A 12 4.20 2.84 12.33
N GLY A 13 4.09 1.58 12.75
CA GLY A 13 3.43 1.23 14.01
C GLY A 13 2.82 -0.16 13.93
N ASP A 14 2.36 -0.68 15.08
CA ASP A 14 1.75 -2.00 15.09
C ASP A 14 0.49 -2.09 14.24
N GLY A 15 0.13 -3.31 13.85
CA GLY A 15 -1.08 -3.53 13.06
C GLY A 15 -2.35 -2.91 13.64
N ALA A 16 -2.48 -2.83 15.00
CA ALA A 16 -3.68 -2.23 15.62
C ALA A 16 -3.59 -0.72 15.99
N CYS A 17 -2.60 0.00 15.44
CA CYS A 17 -2.35 1.38 15.82
C CYS A 17 -3.28 2.38 15.13
N GLY A 18 -4.02 1.99 14.08
CA GLY A 18 -4.93 2.91 13.39
C GLY A 18 -4.28 3.70 12.25
N LYS A 19 -3.05 3.31 11.84
CA LYS A 19 -2.36 4.08 10.79
CA LYS A 19 -2.35 4.04 10.78
C LYS A 19 -3.11 4.13 9.46
N THR A 20 -3.73 3.02 9.02
CA THR A 20 -4.43 3.05 7.73
C THR A 20 -5.62 3.99 7.77
N CYS A 21 -6.39 3.93 8.85
CA CYS A 21 -7.57 4.81 8.97
CA CYS A 21 -7.56 4.80 8.96
C CYS A 21 -7.14 6.26 9.02
N LEU A 22 -6.03 6.56 9.69
CA LEU A 22 -5.53 7.94 9.76
C LEU A 22 -5.23 8.51 8.35
N LEU A 23 -4.54 7.69 7.51
CA LEU A 23 -4.23 8.15 6.16
C LEU A 23 -5.50 8.32 5.34
N ILE A 24 -6.47 7.38 5.50
CA ILE A 24 -7.72 7.49 4.73
C ILE A 24 -8.47 8.77 5.11
N VAL A 25 -8.62 9.01 6.41
CA VAL A 25 -9.38 10.19 6.84
C VAL A 25 -8.70 11.48 6.42
N PHE A 26 -7.37 11.56 6.55
CA PHE A 26 -6.71 12.78 6.10
C PHE A 26 -6.89 13.01 4.56
N SER A 27 -6.68 11.92 3.79
CA SER A 27 -6.72 12.07 2.34
C SER A 27 -8.10 12.40 1.80
N LYS A 28 -9.16 12.03 2.52
CA LYS A 28 -10.53 12.37 2.05
C LYS A 28 -11.09 13.61 2.78
N ASP A 29 -10.46 14.06 3.90
CA ASP A 29 -10.97 15.06 4.86
C ASP A 29 -12.37 14.60 5.30
N GLN A 30 -12.50 13.29 5.59
CA GLN A 30 -13.79 12.70 5.89
C GLN A 30 -13.60 11.29 6.46
N PHE A 31 -14.36 10.96 7.52
CA PHE A 31 -14.38 9.57 7.99
C PHE A 31 -15.48 8.95 7.10
N PRO A 32 -15.16 7.89 6.33
CA PRO A 32 -16.15 7.32 5.42
C PRO A 32 -17.50 6.99 6.03
N GLU A 33 -18.57 7.43 5.39
CA GLU A 33 -19.93 7.21 5.90
C GLU A 33 -20.52 5.89 5.49
N VAL A 34 -20.05 5.28 4.39
CA VAL A 34 -20.66 4.05 3.88
C VAL A 34 -19.71 2.85 4.01
N TYR A 35 -18.46 3.03 3.62
CA TYR A 35 -17.50 1.93 3.66
C TYR A 35 -16.14 2.43 4.03
N VAL A 36 -15.52 1.82 5.07
CA VAL A 36 -14.17 2.17 5.44
C VAL A 36 -13.21 1.22 4.72
N PRO A 37 -12.34 1.74 3.87
CA PRO A 37 -11.45 0.83 3.11
C PRO A 37 -10.57 -0.01 3.98
N THR A 38 -10.25 -1.24 3.52
CA THR A 38 -9.34 -2.12 4.20
C THR A 38 -7.90 -1.67 4.02
N VAL A 39 -7.57 -1.19 2.80
CA VAL A 39 -6.17 -0.83 2.52
C VAL A 39 -6.08 0.61 1.97
N PHE A 40 -4.83 1.11 1.96
CA PHE A 40 -4.53 2.44 1.45
C PHE A 40 -3.38 2.22 0.44
N GLU A 41 -3.55 2.74 -0.80
CA GLU A 41 -2.55 2.56 -1.87
C GLU A 41 -1.42 3.62 -1.67
N ASN A 42 -1.67 4.85 -2.13
CA ASN A 42 -0.83 6.00 -1.81
C ASN A 42 -1.67 7.25 -2.09
N TYR A 43 -1.10 8.42 -1.84
CA TYR A 43 -1.81 9.67 -2.09
C TYR A 43 -0.77 10.77 -2.09
N VAL A 44 -1.01 11.84 -2.84
CA VAL A 44 -0.11 13.00 -2.80
C VAL A 44 -0.97 14.18 -2.39
N ALA A 45 -0.79 14.65 -1.16
CA ALA A 45 -1.61 15.76 -0.65
C ALA A 45 -0.99 17.11 -0.98
N ASP A 46 -1.83 18.08 -1.35
CA ASP A 46 -1.34 19.47 -1.53
C ASP A 46 -1.56 20.18 -0.20
N ILE A 47 -0.47 20.56 0.45
CA ILE A 47 -0.52 21.18 1.78
CA ILE A 47 -0.59 21.24 1.73
C ILE A 47 0.23 22.50 1.75
N GLU A 48 -0.34 23.54 2.32
CA GLU A 48 0.38 24.80 2.44
CA GLU A 48 0.37 24.81 2.44
C GLU A 48 0.53 25.07 3.94
N VAL A 49 1.78 25.10 4.41
CA VAL A 49 2.01 25.26 5.84
C VAL A 49 2.93 26.43 6.07
N ASP A 50 2.49 27.41 6.86
CA ASP A 50 3.31 28.59 7.15
C ASP A 50 3.80 29.28 5.87
N GLY A 51 2.92 29.33 4.88
CA GLY A 51 3.19 30.00 3.61
C GLY A 51 3.97 29.19 2.59
N LYS A 52 4.32 27.94 2.91
CA LYS A 52 5.09 27.11 1.95
C LYS A 52 4.24 26.00 1.38
N GLN A 53 4.24 25.87 0.04
CA GLN A 53 3.47 24.84 -0.64
CA GLN A 53 3.47 24.84 -0.66
C GLN A 53 4.28 23.58 -0.82
N VAL A 54 3.70 22.43 -0.40
CA VAL A 54 4.35 21.14 -0.52
C VAL A 54 3.39 20.10 -1.13
N GLU A 55 3.93 19.19 -1.93
CA GLU A 55 3.20 18.00 -2.36
C GLU A 55 3.73 16.89 -1.41
N LEU A 56 2.88 16.38 -0.52
CA LEU A 56 3.32 15.40 0.46
C LEU A 56 2.80 14.01 0.08
N ALA A 57 3.73 13.15 -0.38
CA ALA A 57 3.36 11.77 -0.73
C ALA A 57 3.20 10.95 0.53
N LEU A 58 2.09 10.22 0.65
CA LEU A 58 1.74 9.46 1.87
C LEU A 58 1.80 7.95 1.61
N TRP A 59 2.43 7.21 2.54
CA TRP A 59 2.57 5.75 2.44
C TRP A 59 2.28 5.06 3.74
N ASP A 60 1.62 3.89 3.65
CA ASP A 60 1.29 3.04 4.79
C ASP A 60 2.22 1.81 4.79
N THR A 61 2.56 1.31 5.96
CA THR A 61 3.33 0.06 6.07
C THR A 61 2.45 -1.10 6.49
N ALA A 62 1.12 -0.94 6.58
CA ALA A 62 0.23 -2.02 6.99
C ALA A 62 0.39 -3.21 6.06
N GLY A 63 0.44 -4.39 6.64
CA GLY A 63 0.63 -5.64 5.92
C GLY A 63 2.10 -6.05 5.87
N GLN A 64 3.03 -5.11 6.15
CA GLN A 64 4.46 -5.44 6.10
C GLN A 64 5.06 -5.78 7.47
N GLU A 65 4.27 -5.72 8.56
CA GLU A 65 4.85 -5.90 9.90
C GLU A 65 5.52 -7.23 10.13
N ASP A 66 5.11 -8.30 9.43
CA ASP A 66 5.71 -9.64 9.66
C ASP A 66 6.86 -9.98 8.66
N TYR A 67 7.22 -9.03 7.75
CA TYR A 67 8.16 -9.33 6.65
C TYR A 67 9.33 -8.37 6.69
N ASP A 68 10.39 -8.79 7.42
CA ASP A 68 11.51 -7.91 7.71
C ASP A 68 12.39 -7.51 6.52
N ARG A 69 12.32 -8.22 5.41
CA ARG A 69 13.07 -7.82 4.21
C ARG A 69 12.19 -7.02 3.24
N LEU A 70 10.86 -7.24 3.24
CA LEU A 70 9.98 -6.44 2.37
C LEU A 70 9.76 -5.05 2.98
N ARG A 71 9.52 -5.00 4.32
CA ARG A 71 9.15 -3.73 4.97
C ARG A 71 10.13 -2.59 4.73
N PRO A 72 11.45 -2.80 4.82
CA PRO A 72 12.36 -1.66 4.64
C PRO A 72 12.35 -1.05 3.25
N LEU A 73 11.78 -1.76 2.27
CA LEU A 73 11.66 -1.18 0.93
C LEU A 73 10.70 0.03 0.88
N SER A 74 9.93 0.24 1.97
CA SER A 74 9.09 1.42 2.06
C SER A 74 9.88 2.65 2.49
N TYR A 75 11.11 2.49 3.09
CA TYR A 75 11.78 3.64 3.70
C TYR A 75 12.64 4.56 2.79
N PRO A 76 13.20 4.15 1.63
CA PRO A 76 14.10 5.09 0.93
C PRO A 76 13.58 6.50 0.72
N ASP A 77 14.42 7.49 0.98
CA ASP A 77 14.09 8.88 0.70
C ASP A 77 12.91 9.40 1.45
N THR A 78 12.63 8.83 2.64
CA THR A 78 11.56 9.37 3.48
C THR A 78 12.02 10.71 4.10
N ASP A 79 11.13 11.69 4.16
CA ASP A 79 11.45 13.03 4.71
C ASP A 79 10.87 13.20 6.12
N VAL A 80 9.81 12.45 6.47
CA VAL A 80 9.24 12.52 7.81
C VAL A 80 8.58 11.17 8.11
N ILE A 81 8.74 10.71 9.36
CA ILE A 81 8.04 9.50 9.83
C ILE A 81 6.98 9.84 10.84
N LEU A 82 5.78 9.29 10.66
CA LEU A 82 4.79 9.28 11.70
C LEU A 82 4.89 7.93 12.39
N MET A 83 5.20 7.91 13.68
CA MET A 83 5.32 6.67 14.43
CA MET A 83 5.36 6.70 14.49
C MET A 83 4.11 6.60 15.35
N CYS A 84 3.23 5.69 15.03
CA CYS A 84 1.95 5.61 15.61
CA CYS A 84 1.91 5.61 15.67
C CYS A 84 1.75 4.53 16.68
N PHE A 85 0.94 4.82 17.69
CA PHE A 85 0.44 3.85 18.68
C PHE A 85 -1.02 4.21 18.94
N SER A 86 -1.83 3.24 19.47
CA SER A 86 -3.20 3.60 19.79
C SER A 86 -3.32 3.86 21.30
N ILE A 87 -4.03 4.93 21.69
CA ILE A 87 -4.25 5.27 23.10
C ILE A 87 -5.08 4.15 23.81
N ASP A 88 -5.84 3.35 23.04
CA ASP A 88 -6.54 2.21 23.65
C ASP A 88 -5.65 0.95 23.78
N SER A 89 -4.35 1.07 23.47
CA SER A 89 -3.45 -0.07 23.52
C SER A 89 -2.08 0.26 24.11
N PRO A 90 -1.92 0.16 25.43
CA PRO A 90 -0.56 0.29 26.02
C PRO A 90 0.44 -0.70 25.39
N ASP A 91 -0.01 -1.89 24.90
CA ASP A 91 0.92 -2.82 24.23
C ASP A 91 1.54 -2.18 22.96
N SER A 92 0.72 -1.43 22.20
CA SER A 92 1.24 -0.77 20.99
C SER A 92 2.29 0.29 21.34
N LEU A 93 2.17 0.94 22.52
CA LEU A 93 3.14 1.95 22.94
C LEU A 93 4.45 1.26 23.40
N GLU A 94 4.35 0.06 24.01
CA GLU A 94 5.52 -0.66 24.49
C GLU A 94 6.46 -1.13 23.36
N ASN A 95 5.93 -1.34 22.18
CA ASN A 95 6.70 -1.75 21.01
C ASN A 95 7.41 -0.60 20.28
N ILE A 96 7.14 0.65 20.70
CA ILE A 96 7.78 1.80 20.09
C ILE A 96 9.30 1.87 20.33
N PRO A 97 9.82 1.81 21.58
CA PRO A 97 11.24 2.16 21.78
C PRO A 97 12.32 1.21 21.33
N GLU A 98 12.06 -0.06 21.37
CA GLU A 98 13.05 -1.07 21.06
C GLU A 98 12.69 -1.95 19.83
N LYS A 99 11.53 -1.74 19.18
CA LYS A 99 11.26 -2.42 17.91
C LYS A 99 11.20 -1.38 16.77
N TRP A 100 10.18 -0.50 16.81
CA TRP A 100 10.05 0.48 15.73
C TRP A 100 11.13 1.52 15.70
N THR A 101 11.52 2.08 16.87
CA THR A 101 12.50 3.17 16.87
C THR A 101 13.89 2.75 16.31
N PRO A 102 14.51 1.64 16.77
CA PRO A 102 15.82 1.28 16.19
C PRO A 102 15.73 0.97 14.69
N GLU A 103 14.58 0.46 14.21
CA GLU A 103 14.48 0.20 12.77
C GLU A 103 14.44 1.50 11.98
N VAL A 104 13.58 2.44 12.42
CA VAL A 104 13.44 3.70 11.70
C VAL A 104 14.76 4.49 11.78
N LYS A 105 15.49 4.43 12.94
CA LYS A 105 16.75 5.18 13.04
C LYS A 105 17.82 4.56 12.12
N HIS A 106 17.78 3.26 11.90
CA HIS A 106 18.74 2.60 11.01
C HIS A 106 18.49 2.95 9.53
N PHE A 107 17.22 2.75 9.05
CA PHE A 107 16.93 2.97 7.62
C PHE A 107 16.66 4.44 7.25
N CYS A 108 16.35 5.28 8.25
CA CYS A 108 16.00 6.71 8.02
C CYS A 108 16.82 7.58 8.93
N PRO A 109 18.16 7.54 8.81
CA PRO A 109 18.97 8.35 9.71
C PRO A 109 18.71 9.83 9.55
N ASN A 110 18.57 10.48 10.66
CA ASN A 110 18.37 11.92 10.76
C ASN A 110 17.02 12.42 10.25
N VAL A 111 16.08 11.49 10.01
CA VAL A 111 14.74 11.90 9.53
C VAL A 111 13.89 12.18 10.76
N PRO A 112 13.16 13.31 10.81
CA PRO A 112 12.36 13.59 12.03
C PRO A 112 11.24 12.58 12.23
N ILE A 113 11.04 12.17 13.47
CA ILE A 113 9.93 11.24 13.84
C ILE A 113 8.93 12.03 14.67
N ILE A 114 7.65 11.96 14.31
CA ILE A 114 6.62 12.53 15.18
C ILE A 114 5.88 11.34 15.79
N LEU A 115 5.87 11.23 17.13
CA LEU A 115 5.12 10.15 17.79
C LEU A 115 3.66 10.59 17.88
N VAL A 116 2.74 9.77 17.35
CA VAL A 116 1.33 10.13 17.29
C VAL A 116 0.51 9.11 18.06
N GLY A 117 -0.24 9.60 19.05
CA GLY A 117 -1.22 8.79 19.77
C GLY A 117 -2.55 8.84 19.02
N ASN A 118 -2.97 7.71 18.44
CA ASN A 118 -4.21 7.61 17.67
CA ASN A 118 -4.23 7.68 17.68
C ASN A 118 -5.37 7.18 18.57
N LYS A 119 -6.60 7.36 18.08
CA LYS A 119 -7.82 6.92 18.76
C LYS A 119 -7.97 7.60 20.10
N LYS A 120 -7.69 8.91 20.15
CA LYS A 120 -7.76 9.63 21.43
C LYS A 120 -9.17 9.71 22.00
N ASP A 121 -10.20 9.54 21.11
CA ASP A 121 -11.63 9.52 21.51
C ASP A 121 -11.93 8.35 22.46
N LEU A 122 -11.05 7.30 22.49
CA LEU A 122 -11.28 6.12 23.35
C LEU A 122 -10.71 6.25 24.77
N ARG A 123 -9.98 7.35 25.06
CA ARG A 123 -9.39 7.54 26.36
C ARG A 123 -10.45 7.57 27.47
N ASN A 124 -11.64 8.13 27.18
CA ASN A 124 -12.74 8.23 28.12
C ASN A 124 -13.95 7.38 27.70
N ASP A 125 -13.69 6.27 26.99
CA ASP A 125 -14.73 5.37 26.54
C ASP A 125 -14.90 4.25 27.58
N GLU A 126 -16.10 4.12 28.18
CA GLU A 126 -16.31 3.12 29.23
C GLU A 126 -16.04 1.69 28.79
N HIS A 127 -16.47 1.29 27.59
CA HIS A 127 -16.19 -0.05 27.06
C HIS A 127 -14.69 -0.33 26.99
N THR A 128 -13.90 0.66 26.52
CA THR A 128 -12.46 0.50 26.43
C THR A 128 -11.85 0.33 27.82
N ARG A 129 -12.27 1.15 28.77
CA ARG A 129 -11.72 1.09 30.12
C ARG A 129 -12.05 -0.24 30.82
N ARG A 130 -13.23 -0.81 30.53
CA ARG A 130 -13.61 -2.08 31.13
C ARG A 130 -12.79 -3.22 30.56
N GLU A 131 -12.57 -3.19 29.23
CA GLU A 131 -11.80 -4.25 28.57
C GLU A 131 -10.33 -4.25 28.99
N LEU A 132 -9.70 -3.05 29.04
CA LEU A 132 -8.29 -2.97 29.44
C LEU A 132 -8.08 -3.39 30.92
N ALA A 133 -9.04 -3.06 31.80
CA ALA A 133 -8.92 -3.40 33.23
C ALA A 133 -8.80 -4.90 33.50
N LYS A 134 -9.29 -5.75 32.59
CA LYS A 134 -9.18 -7.21 32.72
C LYS A 134 -7.72 -7.67 32.57
N MET A 135 -6.90 -6.92 31.79
CA MET A 135 -5.47 -7.22 31.63
C MET A 135 -4.60 -6.36 32.55
N LYS A 136 -5.17 -5.72 33.60
CA LYS A 136 -4.51 -4.80 34.54
C LYS A 136 -3.94 -3.59 33.79
N GLN A 137 -4.67 -3.12 32.78
CA GLN A 137 -4.25 -2.00 31.94
C GLN A 137 -5.24 -0.84 31.96
N GLU A 138 -4.81 0.33 31.43
CA GLU A 138 -5.68 1.51 31.30
C GLU A 138 -5.26 2.29 30.04
N PRO A 139 -6.12 3.15 29.45
CA PRO A 139 -5.68 3.87 28.24
C PRO A 139 -4.44 4.70 28.54
N VAL A 140 -3.63 4.92 27.49
CA VAL A 140 -2.42 5.70 27.62
C VAL A 140 -2.73 7.13 28.03
N LYS A 141 -2.04 7.61 29.05
CA LYS A 141 -2.19 8.97 29.51
C LYS A 141 -1.32 9.92 28.64
N PRO A 142 -1.76 11.17 28.42
CA PRO A 142 -0.91 12.09 27.62
C PRO A 142 0.53 12.23 28.13
N GLU A 143 0.83 12.27 29.45
CA GLU A 143 2.22 12.32 29.92
C GLU A 143 3.02 11.09 29.54
N GLU A 144 2.34 9.92 29.45
CA GLU A 144 3.05 8.69 29.08
C GLU A 144 3.44 8.79 27.59
N GLY A 145 2.57 9.38 26.77
CA GLY A 145 2.92 9.57 25.37
C GLY A 145 4.07 10.57 25.23
N ARG A 146 3.96 11.71 25.93
CA ARG A 146 5.05 12.73 25.83
C ARG A 146 6.37 12.13 26.30
N ASP A 147 6.39 11.41 27.44
CA ASP A 147 7.65 10.84 27.93
C ASP A 147 8.21 9.84 26.96
N MET A 148 7.35 9.07 26.26
CA MET A 148 7.91 8.12 25.27
C MET A 148 8.52 8.91 24.12
N ALA A 149 7.83 9.97 23.66
CA ALA A 149 8.37 10.79 22.57
C ALA A 149 9.72 11.39 22.92
N ASN A 150 9.81 11.86 24.19
CA ASN A 150 11.05 12.49 24.65
C ASN A 150 12.19 11.45 24.68
N ARG A 151 11.90 10.26 25.20
CA ARG A 151 12.88 9.17 25.31
C ARG A 151 13.45 8.75 23.93
N ILE A 152 12.54 8.62 22.95
CA ILE A 152 12.96 8.11 21.63
C ILE A 152 13.61 9.16 20.73
N GLY A 153 13.69 10.41 21.20
CA GLY A 153 14.29 11.45 20.39
C GLY A 153 13.32 11.95 19.31
N ALA A 154 12.01 11.86 19.59
CA ALA A 154 11.04 12.34 18.60
C ALA A 154 11.16 13.86 18.42
N PHE A 155 10.81 14.35 17.20
CA PHE A 155 10.71 15.78 16.92
C PHE A 155 9.58 16.35 17.79
N GLY A 156 8.49 15.60 17.98
CA GLY A 156 7.40 16.04 18.85
C GLY A 156 6.39 14.95 19.10
N TYR A 157 5.43 15.25 19.96
CA TYR A 157 4.36 14.33 20.32
C TYR A 157 3.03 15.00 19.99
N MET A 158 2.14 14.24 19.33
CA MET A 158 0.82 14.72 18.96
C MET A 158 -0.22 13.65 19.17
N GLU A 159 -1.51 14.07 19.34
CA GLU A 159 -2.61 13.09 19.47
C GLU A 159 -3.70 13.41 18.45
N CYS A 160 -4.46 12.37 18.06
CA CYS A 160 -5.57 12.65 17.13
C CYS A 160 -6.62 11.57 17.24
N SER A 161 -7.80 11.83 16.59
CA SER A 161 -8.88 10.86 16.46
C SER A 161 -9.30 10.79 15.00
N ALA A 162 -9.03 9.67 14.30
CA ALA A 162 -9.50 9.55 12.90
C ALA A 162 -11.04 9.54 12.86
N LYS A 163 -11.70 8.99 13.90
CA LYS A 163 -13.17 8.91 13.95
C LYS A 163 -13.84 10.28 13.89
N THR A 164 -13.38 11.22 14.71
CA THR A 164 -13.97 12.57 14.79
C THR A 164 -13.24 13.60 13.95
N LYS A 165 -12.06 13.23 13.41
CA LYS A 165 -11.12 14.07 12.65
C LYS A 165 -10.32 15.04 13.54
N ASP A 166 -10.59 15.11 14.86
CA ASP A 166 -9.91 16.10 15.68
C ASP A 166 -8.42 15.81 15.75
N GLY A 167 -7.64 16.81 15.42
CA GLY A 167 -6.20 16.72 15.48
C GLY A 167 -5.54 16.17 14.23
N VAL A 168 -6.33 15.65 13.27
CA VAL A 168 -5.74 15.03 12.07
C VAL A 168 -5.05 16.03 11.16
N ARG A 169 -5.72 17.16 10.83
CA ARG A 169 -5.08 18.18 9.98
C ARG A 169 -3.79 18.67 10.63
N GLU A 170 -3.82 18.89 11.95
CA GLU A 170 -2.65 19.39 12.66
C GLU A 170 -1.46 18.44 12.58
N VAL A 171 -1.71 17.11 12.65
CA VAL A 171 -0.62 16.16 12.55
C VAL A 171 0.07 16.26 11.18
N PHE A 172 -0.72 16.34 10.08
CA PHE A 172 -0.09 16.36 8.76
C PHE A 172 0.52 17.72 8.43
N GLU A 173 -0.03 18.82 8.97
CA GLU A 173 0.62 20.12 8.75
C GLU A 173 1.97 20.13 9.49
N MET A 174 2.01 19.59 10.74
CA MET A 174 3.29 19.55 11.45
C MET A 174 4.26 18.60 10.77
N ALA A 175 3.78 17.46 10.24
CA ALA A 175 4.70 16.56 9.53
C ALA A 175 5.33 17.25 8.33
N THR A 176 4.54 18.13 7.66
CA THR A 176 5.05 18.89 6.53
C THR A 176 6.14 19.86 6.97
N ARG A 177 5.88 20.59 8.05
CA ARG A 177 6.89 21.51 8.63
C ARG A 177 8.18 20.74 9.00
N ALA A 178 8.03 19.55 9.61
CA ALA A 178 9.22 18.77 9.99
C ALA A 178 10.00 18.33 8.73
N ALA A 179 9.26 17.91 7.69
CA ALA A 179 9.89 17.46 6.42
C ALA A 179 10.67 18.60 5.72
N LEU A 180 10.25 19.86 5.95
CA LEU A 180 10.90 21.02 5.32
C LEU A 180 12.15 21.48 6.07
N GLN A 181 12.33 21.07 7.33
CA GLN A 181 13.49 21.53 8.12
C GLN A 181 14.82 20.96 7.63
N ALA A 182 15.91 21.74 7.80
CA ALA A 182 17.24 21.27 7.42
C ALA A 182 17.65 20.09 8.31
N SER B 1 -6.47 1.82 -17.75
CA SER B 1 -7.64 0.93 -17.67
CA SER B 1 -7.63 0.93 -17.71
C SER B 1 -8.66 1.27 -18.78
N MET B 2 -9.46 0.29 -19.21
CA MET B 2 -10.49 0.53 -20.20
C MET B 2 -11.74 1.07 -19.55
N GLU B 3 -12.50 1.89 -20.30
CA GLU B 3 -13.62 2.63 -19.76
C GLU B 3 -14.72 1.73 -19.15
N MET B 4 -15.00 0.57 -19.76
CA MET B 4 -16.03 -0.32 -19.23
CA MET B 4 -16.00 -0.38 -19.27
C MET B 4 -15.70 -0.72 -17.78
N ASP B 5 -14.43 -1.11 -17.54
CA ASP B 5 -14.06 -1.54 -16.18
C ASP B 5 -13.93 -0.38 -15.23
N GLU B 6 -13.40 0.76 -15.71
CA GLU B 6 -13.30 1.95 -14.82
C GLU B 6 -14.71 2.36 -14.36
N LYS B 7 -15.70 2.37 -15.26
CA LYS B 7 -17.05 2.74 -14.84
C LYS B 7 -17.65 1.68 -13.92
N ASP B 8 -17.36 0.39 -14.17
CA ASP B 8 -17.91 -0.66 -13.29
C ASP B 8 -17.35 -0.53 -11.86
N PHE B 9 -16.16 0.05 -11.72
CA PHE B 9 -15.54 0.20 -10.37
C PHE B 9 -15.33 1.69 -10.01
N ALA B 10 -16.20 2.57 -10.52
CA ALA B 10 -16.07 4.01 -10.22
C ALA B 10 -16.55 4.28 -8.78
N ALA B 11 -17.58 3.57 -8.32
CA ALA B 11 -18.17 3.87 -6.99
C ALA B 11 -17.24 3.52 -5.85
N ASP B 12 -17.44 4.20 -4.69
CA ASP B 12 -16.55 3.93 -3.55
C ASP B 12 -16.81 2.54 -2.92
N SER B 13 -17.93 1.87 -3.24
CA SER B 13 -18.22 0.57 -2.65
C SER B 13 -19.17 -0.21 -3.56
N TRP B 14 -19.30 -1.52 -3.30
CA TRP B 14 -20.27 -2.34 -4.02
C TRP B 14 -21.68 -1.79 -3.70
N SER B 15 -21.94 -1.40 -2.43
CA SER B 15 -23.30 -0.95 -2.09
CA SER B 15 -23.27 -0.91 -2.06
C SER B 15 -23.69 0.33 -2.84
N LEU B 16 -22.71 1.13 -3.29
CA LEU B 16 -23.01 2.34 -4.09
C LEU B 16 -22.93 2.04 -5.61
N ALA B 17 -22.32 0.90 -6.02
CA ALA B 17 -22.22 0.54 -7.45
C ALA B 17 -23.51 -0.11 -7.94
N VAL B 18 -24.13 -0.99 -7.14
CA VAL B 18 -25.36 -1.68 -7.57
C VAL B 18 -26.58 -0.75 -7.50
N ASP B 19 -27.66 -1.12 -8.17
CA ASP B 19 -28.90 -0.32 -8.08
C ASP B 19 -29.42 -0.41 -6.64
N SER B 20 -29.98 0.72 -6.14
CA SER B 20 -30.53 0.68 -4.77
C SER B 20 -31.63 -0.37 -4.59
N SER B 21 -32.43 -0.66 -5.64
CA SER B 21 -33.46 -1.68 -5.54
C SER B 21 -32.87 -3.08 -5.40
N PHE B 22 -31.64 -3.31 -5.93
CA PHE B 22 -30.99 -4.59 -5.82
C PHE B 22 -30.33 -4.68 -4.44
N LEU B 23 -29.68 -3.59 -3.99
CA LEU B 23 -29.04 -3.55 -2.67
C LEU B 23 -30.04 -3.92 -1.57
N GLN B 24 -31.28 -3.40 -1.66
CA GLN B 24 -32.34 -3.65 -0.68
C GLN B 24 -32.73 -5.11 -0.54
N GLN B 25 -32.45 -5.93 -1.56
CA GLN B 25 -32.77 -7.36 -1.53
C GLN B 25 -31.82 -8.21 -0.73
N HIS B 26 -30.70 -7.66 -0.25
CA HIS B 26 -29.71 -8.49 0.44
C HIS B 26 -29.60 -8.19 1.92
N LYS B 27 -29.18 -9.17 2.66
CA LYS B 27 -28.92 -9.02 4.08
C LYS B 27 -27.63 -8.22 4.28
N LYS B 28 -27.52 -7.59 5.47
CA LYS B 28 -26.35 -6.77 5.80
C LYS B 28 -25.05 -7.56 5.69
N GLU B 29 -25.00 -8.82 6.14
CA GLU B 29 -23.75 -9.60 6.10
C GLU B 29 -23.28 -9.82 4.65
N VAL B 30 -24.22 -10.02 3.72
CA VAL B 30 -23.88 -10.14 2.28
C VAL B 30 -23.31 -8.85 1.76
N MET B 31 -23.94 -7.71 2.11
CA MET B 31 -23.45 -6.40 1.67
CA MET B 31 -23.45 -6.40 1.69
C MET B 31 -22.01 -6.21 2.18
N LYS B 32 -21.72 -6.59 3.46
CA LYS B 32 -20.37 -6.41 3.99
C LYS B 32 -19.36 -7.25 3.23
N GLN B 33 -19.69 -8.52 2.94
CA GLN B 33 -18.80 -9.37 2.17
C GLN B 33 -18.56 -8.79 0.76
N GLN B 34 -19.64 -8.38 0.08
CA GLN B 34 -19.48 -7.87 -1.29
C GLN B 34 -18.69 -6.58 -1.35
N ASP B 35 -18.82 -5.74 -0.33
CA ASP B 35 -18.03 -4.49 -0.32
C ASP B 35 -16.53 -4.80 -0.29
N VAL B 36 -16.10 -5.81 0.50
CA VAL B 36 -14.66 -6.10 0.57
C VAL B 36 -14.19 -6.78 -0.71
N ILE B 37 -15.02 -7.68 -1.27
CA ILE B 37 -14.62 -8.33 -2.56
C ILE B 37 -14.47 -7.26 -3.65
N TYR B 38 -15.40 -6.27 -3.65
CA TYR B 38 -15.32 -5.16 -4.60
C TYR B 38 -14.02 -4.35 -4.41
N GLU B 39 -13.59 -4.10 -3.14
CA GLU B 39 -12.31 -3.42 -2.93
C GLU B 39 -11.14 -4.25 -3.42
N LEU B 40 -11.16 -5.61 -3.26
CA LEU B 40 -10.06 -6.42 -3.78
C LEU B 40 -9.97 -6.25 -5.32
N ILE B 41 -11.12 -6.30 -6.01
CA ILE B 41 -11.10 -6.23 -7.50
C ILE B 41 -10.75 -4.82 -7.94
N GLN B 42 -11.34 -3.80 -7.27
CA GLN B 42 -11.02 -2.40 -7.64
C GLN B 42 -9.54 -2.11 -7.47
N THR B 43 -8.95 -2.55 -6.32
CA THR B 43 -7.52 -2.30 -6.13
C THR B 43 -6.65 -3.15 -7.09
N GLU B 44 -7.16 -4.33 -7.53
CA GLU B 44 -6.41 -5.10 -8.52
C GLU B 44 -6.44 -4.40 -9.88
N LEU B 45 -7.60 -3.81 -10.24
CA LEU B 45 -7.69 -3.05 -11.50
C LEU B 45 -6.67 -1.89 -11.45
N HIS B 46 -6.58 -1.19 -10.30
CA HIS B 46 -5.64 -0.07 -10.22
C HIS B 46 -4.19 -0.56 -10.27
N HIS B 47 -3.91 -1.75 -9.71
CA HIS B 47 -2.54 -2.29 -9.72
C HIS B 47 -2.12 -2.63 -11.15
N VAL B 48 -3.06 -3.23 -11.93
CA VAL B 48 -2.73 -3.55 -13.32
C VAL B 48 -2.52 -2.22 -14.11
N ARG B 49 -3.29 -1.17 -13.77
CA ARG B 49 -3.09 0.16 -14.38
C ARG B 49 -1.70 0.73 -14.04
N THR B 50 -1.22 0.54 -12.80
CA THR B 50 0.13 0.95 -12.42
C THR B 50 1.17 0.25 -13.31
N LEU B 51 0.98 -1.05 -13.51
CA LEU B 51 1.91 -1.81 -14.34
C LEU B 51 1.86 -1.34 -15.81
N LYS B 52 0.69 -0.94 -16.30
CA LYS B 52 0.59 -0.44 -17.69
C LYS B 52 1.27 0.93 -17.78
N ILE B 53 1.18 1.80 -16.76
CA ILE B 53 1.95 3.06 -16.80
C ILE B 53 3.46 2.72 -16.90
N MET B 54 3.92 1.74 -16.07
CA MET B 54 5.34 1.37 -16.15
C MET B 54 5.74 0.81 -17.52
N THR B 55 4.96 -0.13 -18.08
CA THR B 55 5.38 -0.74 -19.37
C THR B 55 5.15 0.17 -20.56
N ARG B 56 3.99 0.83 -20.62
CA ARG B 56 3.64 1.63 -21.80
CA ARG B 56 3.66 1.62 -21.80
C ARG B 56 4.10 3.06 -21.77
N LEU B 57 3.81 3.78 -20.68
CA LEU B 57 4.18 5.22 -20.65
C LEU B 57 5.67 5.38 -20.41
N PHE B 58 6.21 4.72 -19.39
CA PHE B 58 7.63 4.92 -19.08
C PHE B 58 8.57 4.07 -19.91
N ARG B 59 8.53 2.75 -19.77
CA ARG B 59 9.50 1.87 -20.42
C ARG B 59 9.48 2.04 -21.93
N THR B 60 8.30 1.91 -22.57
CA THR B 60 8.23 2.02 -24.02
C THR B 60 8.54 3.46 -24.51
N GLY B 61 8.18 4.48 -23.72
CA GLY B 61 8.49 5.84 -24.11
C GLY B 61 10.00 6.08 -24.10
N MET B 62 10.68 5.52 -23.09
CA MET B 62 12.16 5.67 -23.03
C MET B 62 12.83 4.95 -24.19
N LEU B 63 12.31 3.79 -24.58
CA LEU B 63 12.91 3.06 -25.71
C LEU B 63 12.66 3.78 -27.02
N GLU B 64 11.47 4.34 -27.19
CA GLU B 64 11.10 4.96 -28.47
C GLU B 64 11.56 6.41 -28.67
N GLU B 65 11.84 7.18 -27.55
N GLU B 65 11.31 7.24 -27.70
CA GLU B 65 12.31 8.61 -27.52
CA GLU B 65 11.57 8.66 -27.85
C GLU B 65 13.76 8.92 -27.07
C GLU B 65 12.99 8.99 -27.48
N LEU B 66 14.31 8.17 -26.12
N LEU B 66 13.52 8.32 -26.44
CA LEU B 66 15.64 8.46 -25.56
CA LEU B 66 14.87 8.57 -25.98
C LEU B 66 16.74 7.56 -26.10
C LEU B 66 15.92 7.65 -26.57
N HIS B 67 18.01 7.89 -25.81
N HIS B 67 15.50 6.50 -27.14
CA HIS B 67 19.16 7.11 -26.26
CA HIS B 67 16.39 5.49 -27.71
C HIS B 67 19.96 6.59 -25.05
C HIS B 67 17.36 4.94 -26.67
N LEU B 68 19.28 5.91 -24.12
N LEU B 68 16.90 4.81 -25.42
CA LEU B 68 19.92 5.38 -22.92
CA LEU B 68 17.74 4.28 -24.35
C LEU B 68 20.84 4.22 -23.24
C LEU B 68 18.07 2.81 -24.60
N GLU B 69 21.89 4.03 -22.46
N GLU B 69 19.23 2.38 -24.10
CA GLU B 69 22.84 2.92 -22.67
CA GLU B 69 19.72 1.02 -24.22
C GLU B 69 22.13 1.57 -22.51
C GLU B 69 18.78 0.11 -23.47
N PRO B 70 22.54 0.49 -23.23
N PRO B 70 18.37 -1.02 -24.08
CA PRO B 70 21.86 -0.80 -23.07
CA PRO B 70 17.47 -1.95 -23.38
C PRO B 70 21.82 -1.31 -21.63
C PRO B 70 17.95 -2.34 -21.99
N GLY B 71 20.73 -2.01 -21.26
N GLY B 71 19.25 -2.52 -21.78
CA GLY B 71 20.58 -2.53 -19.91
CA GLY B 71 19.79 -2.85 -20.47
C GLY B 71 20.02 -1.53 -18.90
C GLY B 71 19.54 -1.76 -19.43
N VAL B 72 19.96 -0.25 -19.28
N VAL B 72 19.66 -0.50 -19.82
CA VAL B 72 19.43 0.77 -18.39
CA VAL B 72 19.44 0.66 -18.92
C VAL B 72 17.87 0.69 -18.29
C VAL B 72 17.97 0.67 -18.46
N VAL B 73 17.09 0.53 -19.40
CA VAL B 73 15.64 0.47 -19.23
C VAL B 73 15.23 -0.75 -18.38
N GLN B 74 15.89 -1.92 -18.59
CA GLN B 74 15.59 -3.10 -17.79
CA GLN B 74 15.66 -3.13 -17.83
C GLN B 74 15.99 -2.89 -16.33
N GLY B 75 17.02 -2.09 -16.07
CA GLY B 75 17.45 -1.76 -14.71
C GLY B 75 16.44 -0.88 -13.99
N LEU B 76 15.77 0.02 -14.75
CA LEU B 76 14.77 0.91 -14.14
C LEU B 76 13.47 0.14 -13.89
N PHE B 77 13.10 -0.80 -14.78
CA PHE B 77 11.82 -1.51 -14.70
C PHE B 77 12.01 -3.03 -14.69
N PRO B 78 12.64 -3.55 -13.64
CA PRO B 78 12.88 -5.01 -13.62
C PRO B 78 11.58 -5.81 -13.62
N CYS B 79 11.52 -6.89 -14.38
CA CYS B 79 10.42 -7.87 -14.33
C CYS B 79 9.06 -7.31 -14.69
N VAL B 80 8.97 -6.12 -15.28
CA VAL B 80 7.63 -5.53 -15.47
CA VAL B 80 7.67 -5.51 -15.50
C VAL B 80 6.75 -6.31 -16.44
N ASP B 81 7.34 -6.97 -17.45
CA ASP B 81 6.45 -7.74 -18.36
C ASP B 81 5.89 -8.97 -17.65
N GLU B 82 6.69 -9.65 -16.83
CA GLU B 82 6.23 -10.81 -16.08
CA GLU B 82 6.20 -10.82 -16.09
C GLU B 82 5.18 -10.41 -15.05
N LEU B 83 5.38 -9.28 -14.37
CA LEU B 83 4.41 -8.79 -13.37
C LEU B 83 3.10 -8.45 -14.09
N SER B 84 3.19 -7.80 -15.27
CA SER B 84 1.96 -7.46 -16.02
C SER B 84 1.23 -8.74 -16.42
N ASP B 85 1.94 -9.77 -16.89
CA ASP B 85 1.24 -11.00 -17.29
C ASP B 85 0.56 -11.69 -16.08
N ILE B 86 1.25 -11.73 -14.93
CA ILE B 86 0.65 -12.37 -13.75
C ILE B 86 -0.66 -11.65 -13.35
N HIS B 87 -0.61 -10.33 -13.24
CA HIS B 87 -1.74 -9.61 -12.67
C HIS B 87 -2.83 -9.35 -13.70
N THR B 88 -2.50 -9.21 -15.01
CA THR B 88 -3.57 -9.06 -16.01
C THR B 88 -4.35 -10.37 -16.08
N ARG B 89 -3.67 -11.53 -15.96
CA ARG B 89 -4.39 -12.80 -15.94
C ARG B 89 -5.27 -12.93 -14.68
N PHE B 90 -4.78 -12.55 -13.50
CA PHE B 90 -5.55 -12.65 -12.29
C PHE B 90 -6.77 -11.71 -12.37
N LEU B 91 -6.53 -10.47 -12.85
CA LEU B 91 -7.64 -9.51 -13.00
C LEU B 91 -8.69 -10.06 -13.96
N SER B 92 -8.25 -10.69 -15.08
CA SER B 92 -9.21 -11.26 -16.03
CA SER B 92 -9.20 -11.27 -16.02
C SER B 92 -10.11 -12.29 -15.34
N GLN B 93 -9.53 -13.15 -14.47
CA GLN B 93 -10.36 -14.15 -13.78
C GLN B 93 -11.32 -13.50 -12.79
N LEU B 94 -10.88 -12.45 -12.07
CA LEU B 94 -11.80 -11.78 -11.14
C LEU B 94 -12.98 -11.12 -11.91
N LEU B 95 -12.66 -10.44 -13.01
CA LEU B 95 -13.70 -9.76 -13.79
C LEU B 95 -14.62 -10.75 -14.49
N GLU B 96 -14.11 -11.94 -14.86
CA GLU B 96 -15.03 -12.92 -15.47
C GLU B 96 -15.96 -13.49 -14.41
N ARG B 97 -15.52 -13.66 -13.16
CA ARG B 97 -16.40 -14.15 -12.11
C ARG B 97 -17.53 -13.13 -11.85
N ARG B 98 -17.18 -11.84 -11.84
CA ARG B 98 -18.19 -10.80 -11.71
C ARG B 98 -19.16 -10.81 -12.90
N ARG B 99 -18.63 -10.87 -14.13
CA ARG B 99 -19.50 -10.81 -15.28
CA ARG B 99 -19.41 -10.89 -15.35
C ARG B 99 -20.47 -12.00 -15.32
N GLN B 100 -20.03 -13.22 -15.00
CA GLN B 100 -20.93 -14.38 -14.95
C GLN B 100 -22.00 -14.20 -13.91
N ALA B 101 -21.74 -13.49 -12.82
CA ALA B 101 -22.71 -13.31 -11.75
C ALA B 101 -23.73 -12.18 -12.00
N LEU B 102 -23.56 -11.42 -13.11
CA LEU B 102 -24.51 -10.33 -13.34
C LEU B 102 -25.93 -10.86 -13.59
N CYS B 103 -26.91 -10.10 -13.12
CA CYS B 103 -28.31 -10.45 -13.41
C CYS B 103 -28.58 -10.16 -14.87
N PRO B 104 -29.40 -10.99 -15.57
CA PRO B 104 -29.81 -10.64 -16.95
C PRO B 104 -30.51 -9.29 -16.96
N GLY B 105 -30.11 -8.48 -17.92
CA GLY B 105 -30.64 -7.13 -18.03
C GLY B 105 -29.82 -6.08 -17.31
N SER B 106 -28.79 -6.50 -16.56
CA SER B 106 -27.99 -5.55 -15.79
C SER B 106 -26.52 -5.64 -16.15
N THR B 107 -25.84 -4.50 -16.14
CA THR B 107 -24.37 -4.50 -16.25
C THR B 107 -23.74 -4.09 -14.90
N ARG B 108 -24.57 -3.99 -13.80
CA ARG B 108 -24.02 -3.61 -12.52
C ARG B 108 -24.42 -4.44 -11.32
N ASN B 109 -25.52 -5.18 -11.37
CA ASN B 109 -26.00 -5.94 -10.21
C ASN B 109 -25.52 -7.38 -10.23
N PHE B 110 -24.67 -7.72 -9.24
CA PHE B 110 -24.16 -9.07 -9.12
C PHE B 110 -23.80 -9.34 -7.64
N VAL B 111 -23.69 -10.64 -7.29
CA VAL B 111 -23.08 -11.04 -6.01
C VAL B 111 -22.08 -12.15 -6.36
N ILE B 112 -20.84 -12.08 -5.86
CA ILE B 112 -19.85 -13.16 -6.02
C ILE B 112 -19.89 -14.00 -4.73
N HIS B 113 -20.36 -15.24 -4.87
CA HIS B 113 -20.42 -16.15 -3.70
C HIS B 113 -19.23 -17.10 -3.57
N ARG B 114 -18.40 -17.32 -4.65
N ARG B 114 -18.55 -17.31 -4.68
CA ARG B 114 -17.35 -18.36 -4.67
CA ARG B 114 -17.45 -18.19 -4.81
C ARG B 114 -15.89 -17.89 -4.95
C ARG B 114 -16.30 -17.34 -5.29
N LEU B 115 -15.51 -16.80 -4.33
N LEU B 115 -15.42 -17.03 -4.37
CA LEU B 115 -14.17 -16.27 -4.57
CA LEU B 115 -14.17 -16.31 -4.60
C LEU B 115 -13.03 -17.19 -4.09
C LEU B 115 -13.02 -17.20 -4.10
N GLY B 116 -13.23 -17.91 -2.99
CA GLY B 116 -12.16 -18.71 -2.39
C GLY B 116 -11.43 -19.63 -3.36
N ASP B 117 -12.19 -20.34 -4.21
CA ASP B 117 -11.57 -21.28 -5.16
CA ASP B 117 -11.58 -21.27 -5.16
C ASP B 117 -10.65 -20.56 -6.17
N LEU B 118 -11.04 -19.35 -6.58
CA LEU B 118 -10.23 -18.58 -7.53
C LEU B 118 -8.93 -18.14 -6.81
N LEU B 119 -9.02 -17.75 -5.53
CA LEU B 119 -7.80 -17.36 -4.80
C LEU B 119 -6.91 -18.55 -4.52
N ILE B 120 -7.50 -19.75 -4.20
CA ILE B 120 -6.63 -20.91 -4.05
C ILE B 120 -5.85 -21.20 -5.36
N SER B 121 -6.54 -21.12 -6.51
CA SER B 121 -5.88 -21.36 -7.79
CA SER B 121 -5.89 -21.35 -7.80
C SER B 121 -4.76 -20.33 -8.05
N GLN B 122 -5.05 -19.04 -7.81
CA GLN B 122 -4.02 -18.03 -8.05
C GLN B 122 -2.77 -18.23 -7.18
N PHE B 123 -2.98 -18.62 -5.92
CA PHE B 123 -1.91 -18.71 -4.94
C PHE B 123 -1.41 -20.16 -4.68
N SER B 124 -1.60 -21.01 -5.67
CA SER B 124 -1.02 -22.37 -5.61
C SER B 124 -0.50 -22.78 -7.01
N GLY B 125 0.21 -23.93 -7.06
CA GLY B 125 0.68 -24.46 -8.33
C GLY B 125 1.63 -23.57 -9.11
N PRO B 126 1.67 -23.72 -10.45
CA PRO B 126 2.62 -22.93 -11.24
C PRO B 126 2.41 -21.41 -11.13
N SER B 127 1.17 -20.94 -10.96
CA SER B 127 1.00 -19.48 -10.85
C SER B 127 1.64 -18.94 -9.55
N ALA B 128 1.57 -19.68 -8.43
CA ALA B 128 2.22 -19.23 -7.19
C ALA B 128 3.74 -19.31 -7.36
N GLU B 129 4.24 -20.34 -8.07
CA GLU B 129 5.70 -20.42 -8.28
C GLU B 129 6.18 -19.23 -9.11
N GLN B 130 5.39 -18.83 -10.12
CA GLN B 130 5.78 -17.67 -10.95
CA GLN B 130 5.73 -17.68 -10.96
C GLN B 130 5.72 -16.39 -10.11
N MET B 131 4.67 -16.22 -9.28
CA MET B 131 4.59 -15.01 -8.44
C MET B 131 5.80 -14.96 -7.48
N CYS B 132 6.18 -16.08 -6.89
CA CYS B 132 7.33 -16.12 -5.97
C CYS B 132 8.59 -15.77 -6.70
N LYS B 133 8.83 -16.41 -7.86
CA LYS B 133 10.07 -16.11 -8.60
C LYS B 133 10.16 -14.63 -9.00
N THR B 134 9.04 -14.09 -9.51
CA THR B 134 9.03 -12.73 -10.02
C THR B 134 9.16 -11.69 -8.91
N TYR B 135 8.41 -11.84 -7.80
CA TYR B 135 8.54 -10.86 -6.71
C TYR B 135 9.88 -10.96 -5.97
N SER B 136 10.44 -12.19 -5.88
CA SER B 136 11.77 -12.33 -5.22
C SER B 136 12.82 -11.55 -6.06
N GLU B 137 12.69 -11.62 -7.41
CA GLU B 137 13.61 -10.90 -8.28
CA GLU B 137 13.64 -10.87 -8.25
C GLU B 137 13.35 -9.39 -8.23
N PHE B 138 12.06 -8.99 -8.40
CA PHE B 138 11.72 -7.57 -8.43
C PHE B 138 12.12 -6.88 -7.14
N CYS B 139 11.72 -7.49 -6.01
CA CYS B 139 11.99 -6.81 -4.73
C CYS B 139 13.48 -6.77 -4.38
N SER B 140 14.27 -7.75 -4.93
CA SER B 140 15.72 -7.66 -4.74
C SER B 140 16.37 -6.63 -5.65
N ARG B 141 15.69 -6.14 -6.69
CA ARG B 141 16.24 -5.14 -7.60
C ARG B 141 15.63 -3.75 -7.40
N HIS B 142 14.81 -3.61 -6.31
CA HIS B 142 14.05 -2.39 -6.05
C HIS B 142 15.01 -1.25 -5.72
N SER B 143 15.98 -1.43 -4.76
CA SER B 143 16.93 -0.35 -4.43
CA SER B 143 16.91 -0.35 -4.43
C SER B 143 17.73 0.10 -5.63
N LYS B 144 18.18 -0.87 -6.46
CA LYS B 144 18.99 -0.57 -7.61
C LYS B 144 18.22 0.25 -8.67
N ALA B 145 16.94 -0.08 -8.84
CA ALA B 145 16.10 0.68 -9.82
C ALA B 145 15.93 2.12 -9.35
N LEU B 146 15.68 2.34 -8.02
CA LEU B 146 15.51 3.70 -7.52
C LEU B 146 16.80 4.51 -7.70
N LYS B 147 17.95 3.88 -7.41
CA LYS B 147 19.22 4.59 -7.55
C LYS B 147 19.58 4.94 -8.99
N LEU B 148 19.25 4.04 -9.92
CA LEU B 148 19.50 4.29 -11.33
C LEU B 148 18.62 5.44 -11.82
N TYR B 149 17.34 5.45 -11.37
CA TYR B 149 16.40 6.52 -11.75
C TYR B 149 16.94 7.87 -11.26
N LYS B 150 17.35 7.95 -9.99
CA LYS B 150 17.79 9.22 -9.43
C LYS B 150 19.02 9.74 -10.16
N GLU B 151 19.93 8.83 -10.51
CA GLU B 151 21.15 9.24 -11.22
CA GLU B 151 21.16 9.23 -11.24
C GLU B 151 20.84 9.81 -12.62
N LEU B 152 19.97 9.14 -13.37
CA LEU B 152 19.59 9.62 -14.71
C LEU B 152 18.83 10.92 -14.65
N TYR B 153 17.93 11.08 -13.68
CA TYR B 153 17.13 12.31 -13.57
C TYR B 153 18.02 13.50 -13.26
N ALA B 154 19.03 13.31 -12.40
CA ALA B 154 19.89 14.43 -12.02
C ALA B 154 20.93 14.78 -13.06
N ARG B 155 21.33 13.83 -13.93
CA ARG B 155 22.42 14.10 -14.88
CA ARG B 155 22.43 14.04 -14.88
C ARG B 155 22.04 14.17 -16.36
N ASP B 156 20.94 13.56 -16.79
CA ASP B 156 20.58 13.55 -18.21
C ASP B 156 19.41 14.47 -18.51
N LYS B 157 19.66 15.58 -19.21
CA LYS B 157 18.65 16.57 -19.57
C LYS B 157 17.48 15.98 -20.34
N ARG B 158 17.74 15.16 -21.39
CA ARG B 158 16.66 14.61 -22.18
C ARG B 158 15.80 13.68 -21.29
N PHE B 159 16.43 12.96 -20.38
CA PHE B 159 15.67 12.07 -19.46
C PHE B 159 14.78 12.87 -18.52
N GLN B 160 15.31 13.94 -17.94
CA GLN B 160 14.55 14.79 -17.05
C GLN B 160 13.39 15.43 -17.79
N GLN B 161 13.63 15.92 -19.04
CA GLN B 161 12.51 16.52 -19.80
C GLN B 161 11.42 15.50 -20.11
N PHE B 162 11.83 14.24 -20.45
CA PHE B 162 10.87 13.19 -20.73
C PHE B 162 9.99 12.90 -19.51
N ILE B 163 10.64 12.74 -18.34
CA ILE B 163 9.88 12.43 -17.11
C ILE B 163 8.94 13.57 -16.77
N ARG B 164 9.45 14.84 -16.84
CA ARG B 164 8.55 15.96 -16.51
C ARG B 164 7.38 16.05 -17.51
N LYS B 165 7.60 15.66 -18.77
CA LYS B 165 6.56 15.72 -19.78
C LYS B 165 5.45 14.69 -19.55
N VAL B 166 5.86 13.41 -19.36
CA VAL B 166 4.83 12.36 -19.26
C VAL B 166 4.18 12.28 -17.88
N THR B 167 4.79 12.88 -16.85
CA THR B 167 4.17 12.91 -15.52
C THR B 167 3.47 14.21 -15.20
N ARG B 168 3.43 15.16 -16.15
CA ARG B 168 2.72 16.43 -15.93
C ARG B 168 1.21 16.29 -15.76
N PRO B 169 0.51 15.42 -16.53
CA PRO B 169 -0.96 15.35 -16.40
C PRO B 169 -1.39 15.03 -14.98
N ALA B 170 -2.51 15.63 -14.55
CA ALA B 170 -2.99 15.38 -13.19
C ALA B 170 -3.27 13.89 -12.92
N VAL B 171 -3.62 13.11 -13.92
CA VAL B 171 -3.91 11.67 -13.69
C VAL B 171 -2.65 10.90 -13.34
N LEU B 172 -1.46 11.46 -13.52
CA LEU B 172 -0.19 10.79 -13.13
C LEU B 172 0.33 11.29 -11.77
N LYS B 173 -0.46 12.09 -11.03
CA LYS B 173 0.04 12.70 -9.79
C LYS B 173 0.62 11.72 -8.78
N ARG B 174 -0.01 10.54 -8.67
CA ARG B 174 0.46 9.52 -7.67
C ARG B 174 1.43 8.50 -8.28
N HIS B 175 1.75 8.61 -9.58
CA HIS B 175 2.40 7.57 -10.36
C HIS B 175 3.65 7.97 -11.08
N GLY B 176 4.51 8.72 -10.41
CA GLY B 176 5.88 8.86 -10.88
C GLY B 176 6.61 7.50 -10.89
N VAL B 177 7.86 7.45 -11.40
CA VAL B 177 8.57 6.16 -11.52
C VAL B 177 8.79 5.50 -10.16
N GLN B 178 9.31 6.25 -9.19
CA GLN B 178 9.61 5.67 -7.87
C GLN B 178 8.34 5.27 -7.12
N GLU B 179 7.26 6.05 -7.32
CA GLU B 179 5.98 5.74 -6.73
C GLU B 179 5.42 4.45 -7.28
N CYS B 180 5.53 4.25 -8.61
CA CYS B 180 5.05 2.99 -9.21
C CYS B 180 5.82 1.81 -8.65
N ILE B 181 7.15 1.91 -8.54
CA ILE B 181 7.94 0.80 -8.00
C ILE B 181 7.48 0.41 -6.58
N LEU B 182 7.25 1.39 -5.71
CA LEU B 182 6.82 1.05 -4.35
C LEU B 182 5.34 0.60 -4.32
N LEU B 183 4.45 1.12 -5.20
CA LEU B 183 3.07 0.57 -5.23
C LEU B 183 3.12 -0.93 -5.59
N VAL B 184 4.01 -1.31 -6.51
CA VAL B 184 4.07 -2.73 -6.88
C VAL B 184 4.64 -3.58 -5.75
N THR B 185 5.76 -3.16 -5.14
CA THR B 185 6.31 -3.88 -3.99
C THR B 185 5.30 -4.06 -2.87
N GLN B 186 4.49 -3.01 -2.62
CA GLN B 186 3.51 -3.10 -1.55
C GLN B 186 2.25 -3.88 -1.92
N ARG B 187 2.02 -4.20 -3.21
CA ARG B 187 0.73 -4.87 -3.53
C ARG B 187 0.60 -6.20 -2.85
N ILE B 188 1.68 -6.99 -2.85
CA ILE B 188 1.58 -8.38 -2.38
C ILE B 188 1.20 -8.48 -0.89
N THR B 189 1.63 -7.47 -0.10
CA THR B 189 1.29 -7.48 1.33
C THR B 189 -0.08 -6.87 1.62
N LYS B 190 -0.82 -6.40 0.59
CA LYS B 190 -2.20 -6.00 0.82
C LYS B 190 -3.13 -7.22 0.83
N TYR B 191 -2.75 -8.33 0.14
CA TYR B 191 -3.67 -9.45 -0.04
C TYR B 191 -4.12 -10.06 1.28
N PRO B 192 -3.28 -10.31 2.28
CA PRO B 192 -3.80 -10.93 3.51
C PRO B 192 -4.85 -10.11 4.20
N LEU B 193 -4.68 -8.79 4.23
CA LEU B 193 -5.60 -7.90 4.90
CA LEU B 193 -5.65 -7.94 4.92
C LEU B 193 -7.01 -8.01 4.22
N LEU B 194 -7.01 -7.95 2.88
CA LEU B 194 -8.25 -8.04 2.12
C LEU B 194 -8.91 -9.41 2.30
N ILE B 195 -8.11 -10.49 2.16
CA ILE B 195 -8.70 -11.85 2.28
C ILE B 195 -9.23 -12.12 3.67
N SER B 196 -8.51 -11.67 4.73
CA SER B 196 -8.98 -11.88 6.09
CA SER B 196 -9.00 -11.91 6.09
CA SER B 196 -8.99 -11.86 6.10
C SER B 196 -10.33 -11.17 6.33
N ARG B 197 -10.49 -9.95 5.76
CA ARG B 197 -11.75 -9.24 5.95
C ARG B 197 -12.89 -9.87 5.13
N ILE B 198 -12.61 -10.39 3.92
CA ILE B 198 -13.65 -11.14 3.18
C ILE B 198 -14.04 -12.40 3.97
N LEU B 199 -13.05 -13.08 4.54
CA LEU B 199 -13.29 -14.31 5.33
C LEU B 199 -14.17 -14.00 6.55
N GLN B 200 -13.97 -12.86 7.22
CA GLN B 200 -14.79 -12.48 8.36
C GLN B 200 -16.29 -12.40 8.04
N HIS B 201 -16.60 -12.08 6.78
CA HIS B 201 -17.99 -11.95 6.36
C HIS B 201 -18.45 -13.11 5.44
N SER B 202 -17.72 -14.26 5.47
CA SER B 202 -18.03 -15.40 4.59
C SER B 202 -18.36 -16.67 5.34
N HIS B 203 -18.90 -16.54 6.54
CA HIS B 203 -19.23 -17.73 7.33
C HIS B 203 -20.54 -18.41 6.96
N GLY B 204 -21.38 -17.77 6.17
CA GLY B 204 -22.69 -18.33 5.85
C GLY B 204 -22.68 -19.63 5.07
N ILE B 205 -21.64 -19.86 4.25
CA ILE B 205 -21.46 -21.11 3.52
CA ILE B 205 -21.47 -21.10 3.51
C ILE B 205 -20.16 -21.71 4.00
N GLU B 206 -20.23 -22.82 4.73
CA GLU B 206 -19.00 -23.40 5.31
C GLU B 206 -17.93 -23.76 4.29
N GLU B 207 -18.34 -24.23 3.09
CA GLU B 207 -17.32 -24.53 2.06
C GLU B 207 -16.56 -23.25 1.65
N GLU B 208 -17.22 -22.10 1.71
CA GLU B 208 -16.56 -20.84 1.32
C GLU B 208 -15.62 -20.37 2.42
N ARG B 209 -16.03 -20.52 3.68
CA ARG B 209 -15.18 -20.18 4.81
C ARG B 209 -13.92 -21.05 4.77
N GLN B 210 -14.08 -22.36 4.49
CA GLN B 210 -12.92 -23.23 4.40
C GLN B 210 -12.01 -22.87 3.24
N ASP B 211 -12.59 -22.53 2.08
CA ASP B 211 -11.74 -22.18 0.93
C ASP B 211 -10.98 -20.87 1.13
N LEU B 212 -11.62 -19.88 1.77
CA LEU B 212 -10.88 -18.59 2.04
C LEU B 212 -9.82 -18.79 3.12
N THR B 213 -10.05 -19.71 4.08
CA THR B 213 -9.01 -20.01 5.07
C THR B 213 -7.80 -20.66 4.38
N THR B 214 -8.05 -21.61 3.44
CA THR B 214 -6.96 -22.21 2.68
C THR B 214 -6.22 -21.13 1.85
N ALA B 215 -6.97 -20.24 1.20
CA ALA B 215 -6.32 -19.19 0.41
C ALA B 215 -5.48 -18.26 1.25
N LEU B 216 -5.98 -17.88 2.45
CA LEU B 216 -5.20 -16.97 3.30
C LEU B 216 -3.87 -17.62 3.68
N GLY B 217 -3.89 -18.90 4.01
CA GLY B 217 -2.64 -19.58 4.36
C GLY B 217 -1.69 -19.66 3.17
N LEU B 218 -2.22 -19.90 1.94
CA LEU B 218 -1.36 -19.96 0.76
C LEU B 218 -0.72 -18.58 0.50
N VAL B 219 -1.46 -17.49 0.66
CA VAL B 219 -0.90 -16.16 0.42
C VAL B 219 0.20 -15.88 1.45
N LYS B 220 -0.03 -16.24 2.74
CA LYS B 220 1.02 -15.98 3.73
C LYS B 220 2.25 -16.86 3.45
N GLU B 221 2.08 -18.07 2.92
CA GLU B 221 3.23 -18.93 2.56
CA GLU B 221 3.25 -18.92 2.58
C GLU B 221 4.03 -18.26 1.44
N LEU B 222 3.34 -17.70 0.44
CA LEU B 222 4.02 -17.02 -0.67
C LEU B 222 4.83 -15.80 -0.14
N LEU B 223 4.20 -15.01 0.73
CA LEU B 223 4.87 -13.81 1.25
C LEU B 223 6.10 -14.21 2.08
N SER B 224 6.00 -15.28 2.89
CA SER B 224 7.16 -15.71 3.68
CA SER B 224 7.15 -15.72 3.68
C SER B 224 8.28 -16.15 2.76
N ASN B 225 7.96 -16.86 1.68
CA ASN B 225 8.99 -17.32 0.73
C ASN B 225 9.62 -16.15 0.01
N VAL B 226 8.82 -15.15 -0.43
CA VAL B 226 9.41 -13.98 -1.10
C VAL B 226 10.33 -13.24 -0.13
N ASP B 227 9.85 -13.02 1.13
CA ASP B 227 10.63 -12.26 2.09
C ASP B 227 11.97 -12.96 2.39
N GLU B 228 11.97 -14.29 2.46
CA GLU B 228 13.22 -15.02 2.70
C GLU B 228 14.14 -15.03 1.47
N GLY B 229 13.59 -14.77 0.30
CA GLY B 229 14.36 -14.82 -0.94
C GLY B 229 14.92 -13.48 -1.39
N ILE B 230 14.79 -12.41 -0.59
CA ILE B 230 15.24 -11.10 -0.99
C ILE B 230 16.63 -10.77 -0.43
N TYR B 231 17.51 -10.24 -1.30
CA TYR B 231 18.80 -9.67 -0.91
C TYR B 231 19.03 -8.53 -1.87
N GLN B 232 19.13 -7.29 -1.37
CA GLN B 232 19.27 -6.16 -2.26
C GLN B 232 20.50 -6.12 -3.10
N LEU B 233 20.35 -6.04 -4.41
CA LEU B 233 21.47 -5.90 -5.32
C LEU B 233 21.95 -4.45 -5.29
N GLU B 234 23.26 -4.27 -5.43
CA GLU B 234 23.82 -2.91 -5.41
C GLU B 234 24.85 -2.80 -6.49
N LYS B 235 24.71 -1.77 -7.35
CA LYS B 235 25.70 -1.53 -8.42
C LYS B 235 27.02 -1.17 -7.76
N GLY B 236 28.08 -1.86 -8.15
CA GLY B 236 29.39 -1.60 -7.59
C GLY B 236 29.72 -2.38 -6.33
N ALA B 237 28.76 -3.14 -5.74
CA ALA B 237 29.07 -3.93 -4.54
C ALA B 237 30.03 -5.07 -4.97
N ARG B 238 31.12 -5.21 -4.24
CA ARG B 238 32.14 -6.20 -4.58
C ARG B 238 31.77 -7.56 -4.04
N LEU B 239 32.32 -8.63 -4.64
CA LEU B 239 32.08 -9.99 -4.18
CA LEU B 239 32.05 -9.98 -4.16
C LEU B 239 32.34 -10.14 -2.66
N GLN B 240 33.43 -9.52 -2.16
CA GLN B 240 33.76 -9.59 -0.73
C GLN B 240 32.65 -9.06 0.14
N GLU B 241 31.99 -7.95 -0.27
CA GLU B 241 30.84 -7.41 0.48
C GLU B 241 29.68 -8.40 0.51
N ILE B 242 29.48 -9.14 -0.59
CA ILE B 242 28.42 -10.13 -0.72
C ILE B 242 28.70 -11.37 0.12
N TYR B 243 29.88 -12.02 -0.01
CA TYR B 243 30.12 -13.25 0.77
C TYR B 243 30.35 -12.94 2.28
N ASN B 244 30.51 -11.65 2.66
CA ASN B 244 30.60 -11.27 4.08
C ASN B 244 29.25 -10.79 4.63
N ARG B 245 28.13 -11.13 3.95
CA ARG B 245 26.78 -10.78 4.38
C ARG B 245 26.52 -11.47 5.73
C10 YX2 C . 16.83 -2.59 12.98
C13 YX2 C . 19.29 -3.03 11.78
C15 YX2 C . 15.66 -5.19 8.84
C01 YX2 C . 20.43 -7.18 7.51
C02 YX2 C . 20.78 -5.70 7.65
C03 YX2 C . 20.17 -5.07 8.91
O04 YX2 C . 20.90 -4.81 9.81
N05 YX2 C . 18.73 -4.82 8.92
C06 YX2 C . 17.84 -4.28 9.95
C07 YX2 C . 16.47 -4.48 9.93
O08 YX2 C . 15.90 -3.85 10.99
C09 YX2 C . 16.90 -3.28 11.75
C11 YX2 C . 17.99 -2.05 13.55
C12 YX2 C . 19.22 -2.27 12.95
C14 YX2 C . 18.11 -3.52 11.14
O16 YX2 C . 16.19 -5.75 7.92
N17 YX2 C . 14.23 -5.14 8.92
C10 YX2 D . 13.72 10.74 28.49
C13 YX2 D . 11.23 10.19 29.60
C15 YX2 D . 13.88 5.83 29.41
C01 YX2 D . 8.89 8.63 32.94
C02 YX2 D . 10.25 8.29 32.35
C03 YX2 D . 10.13 7.13 31.36
O04 YX2 D . 9.27 6.32 31.51
N05 YX2 D . 11.04 6.95 30.24
C06 YX2 D . 12.16 7.76 29.80
C07 YX2 D . 13.38 7.26 29.35
O08 YX2 D . 14.12 8.26 28.84
C09 YX2 D . 13.39 9.43 28.91
C11 YX2 D . 12.82 11.77 28.69
C12 YX2 D . 11.56 11.48 29.22
C14 YX2 D . 12.16 9.15 29.45
O16 YX2 D . 13.25 4.98 29.97
N17 YX2 D . 15.13 5.51 28.75
S DMS E . 0.09 16.73 23.42
O DMS E . 0.89 16.48 24.72
C1 DMS E . -0.12 18.50 23.29
C2 DMS E . -1.61 16.30 23.82
C FMT F . 8.08 17.55 27.72
O1 FMT F . 7.99 18.63 27.14
O2 FMT F . 7.09 16.69 27.88
C FMT G . -12.00 -2.01 8.62
O1 FMT G . -11.46 -3.13 8.57
O2 FMT G . -11.71 -0.97 7.77
C FMT H . -3.99 12.81 -4.70
O1 FMT H . -3.11 11.98 -4.78
O2 FMT H . -5.06 12.81 -5.55
C FMT I . 17.39 13.73 5.66
O1 FMT I . 17.46 12.51 5.51
O2 FMT I . 16.47 14.36 6.42
C FMT J . 8.21 -3.99 14.40
O1 FMT J . 8.29 -4.74 15.37
O2 FMT J . 9.25 -3.30 13.90
C FMT K . 20.09 2.43 5.11
O1 FMT K . 20.82 1.74 5.81
O2 FMT K . 19.92 3.78 5.27
C FMT L . 15.70 -0.11 2.72
O1 FMT L . 15.65 0.98 3.23
O2 FMT L . 15.50 -0.30 1.41
S DMS M . -27.66 -14.58 -12.64
O DMS M . -26.19 -14.92 -12.89
C1 DMS M . -27.76 -13.69 -11.08
C2 DMS M . -28.50 -16.09 -12.08
S DMS N . -21.64 -14.86 3.48
O DMS N . -22.61 -15.89 2.72
C1 DMS N . -21.80 -15.09 5.12
C2 DMS N . -22.43 -13.22 3.52
S DMS O . 20.59 17.90 -15.86
O DMS O . 19.25 17.18 -15.84
C1 DMS O . 20.51 19.21 -14.61
C2 DMS O . 20.56 19.05 -17.27
C FMT P . -23.08 -20.54 -2.90
O1 FMT P . -22.53 -21.35 -3.57
O2 FMT P . -22.42 -19.82 -1.98
C FMT Q . -19.58 -16.82 -8.04
O1 FMT Q . -18.48 -16.70 -7.61
O2 FMT Q . -20.68 -16.81 -7.30
C FMT R . -4.20 -11.56 7.77
O1 FMT R . -4.40 -12.19 8.81
O2 FMT R . -3.93 -10.22 7.72
C FMT S . 11.46 -12.62 -13.25
O1 FMT S . 11.88 -13.42 -12.40
O2 FMT S . 10.18 -12.60 -13.71
C FMT T . -4.53 -26.02 -2.21
O1 FMT T . -3.93 -26.04 -1.14
O2 FMT T . -3.94 -25.99 -3.45
C FMT U . 24.00 -6.34 -10.29
O1 FMT U . 23.22 -5.40 -10.35
O2 FMT U . 24.17 -7.08 -9.23
C FMT V . -27.08 -18.86 -1.09
O1 FMT V . -27.38 -18.51 0.05
O2 FMT V . -26.98 -18.03 -2.15
#